data_3FK7
#
_entry.id   3FK7
#
_cell.length_a   130.220
_cell.length_b   59.380
_cell.length_c   63.780
_cell.angle_alpha   90.000
_cell.angle_beta   97.850
_cell.angle_gamma   90.000
#
_symmetry.space_group_name_H-M   'C 1 2 1'
#
loop_
_entity.id
_entity.type
_entity.pdbx_description
1 polymer 'Tetracycline repressor protein class B from transposon Tn10, Tetracycline repressor protein class D'
2 non-polymer 'MAGNESIUM ION'
3 non-polymer (4aS,12aS)-3,10,11,12a-tetrahydroxy-6-methyl-1,12-dioxo-1,4,4a,5,12,12a-hexahydrotetracene-2-carboxamide
4 water water
#
_entity_poly.entity_id   1
_entity_poly.type   'polypeptide(L)'
_entity_poly.pdbx_seq_one_letter_code
;MSRLDKSKVINSALELLNEVGIEGLTTRKLAQKLGVEQPTLYWHVKNKRALLDALAVEILARHKDYSLPAAGESWQSFLR
NNAMSFRRALLRYRDGAKVHLGTRPDEKQYDTVETQLRFMTENGFSLRDGLYAILAVIHFTLGAVLEQQEHTAALTDRPA
APDENLPPLLREALQIMDSDDGEQAFLHGLESLIRGFEVQLTALLQIV
;
_entity_poly.pdbx_strand_id   A,B
#
loop_
_chem_comp.id
_chem_comp.type
_chem_comp.name
_chem_comp.formula
4DM non-polymer (4aS,12aS)-3,10,11,12a-tetrahydroxy-6-methyl-1,12-dioxo-1,4,4a,5,12,12a-hexahydrotetracene-2-carboxamide 'C20 H17 N O7'
MG non-polymer 'MAGNESIUM ION' 'Mg 2'
#
# COMPACT_ATOMS: atom_id res chain seq x y z
N LEU A 4 -19.45 3.20 29.77
CA LEU A 4 -18.09 2.64 29.50
C LEU A 4 -17.07 3.76 29.29
N ASP A 5 -15.80 3.38 29.26
CA ASP A 5 -14.70 4.33 29.07
C ASP A 5 -13.81 3.86 27.92
N LYS A 6 -12.73 4.61 27.64
CA LYS A 6 -11.96 4.45 26.41
C LYS A 6 -11.34 3.07 26.18
N SER A 7 -10.65 2.53 27.17
CA SER A 7 -9.95 1.26 27.02
C SER A 7 -10.93 0.12 26.78
N LYS A 8 -12.11 0.22 27.39
CA LYS A 8 -13.14 -0.80 27.26
C LYS A 8 -13.63 -0.85 25.82
N VAL A 9 -13.95 0.33 25.29
CA VAL A 9 -14.38 0.46 23.91
C VAL A 9 -13.29 -0.03 22.95
N ILE A 10 -12.04 0.38 23.21
CA ILE A 10 -10.90 0.03 22.37
C ILE A 10 -10.59 -1.48 22.37
N ASN A 11 -10.57 -2.08 23.55
CA ASN A 11 -10.26 -3.50 23.67
C ASN A 11 -11.25 -4.40 22.95
N SER A 12 -12.54 -4.08 23.04
CA SER A 12 -13.56 -4.90 22.38
C SER A 12 -13.59 -4.64 20.86
N ALA A 13 -13.34 -3.39 20.46
CA ALA A 13 -13.19 -3.02 19.04
C ALA A 13 -12.10 -3.83 18.35
N LEU A 14 -10.95 -3.96 19.02
CA LEU A 14 -9.80 -4.71 18.52
C LEU A 14 -10.11 -6.19 18.44
N GLU A 15 -10.84 -6.68 19.43
CA GLU A 15 -11.30 -8.05 19.46
C GLU A 15 -12.27 -8.33 18.31
N LEU A 16 -13.20 -7.40 18.08
CA LEU A 16 -14.17 -7.49 16.99
C LEU A 16 -13.50 -7.41 15.61
N LEU A 17 -12.44 -6.59 15.52
CA LEU A 17 -11.62 -6.49 14.29
C LEU A 17 -11.00 -7.83 13.89
N ASN A 18 -10.44 -8.54 14.86
CA ASN A 18 -9.96 -9.89 14.65
C ASN A 18 -11.10 -10.87 14.31
N GLU A 19 -12.26 -10.68 14.93
CA GLU A 19 -13.43 -11.54 14.67
C GLU A 19 -13.97 -11.37 13.24
N VAL A 20 -14.20 -10.15 12.82
CA VAL A 20 -14.95 -9.93 11.58
C VAL A 20 -14.20 -9.14 10.49
N GLY A 21 -13.01 -8.63 10.81
CA GLY A 21 -12.21 -7.89 9.83
C GLY A 21 -12.76 -6.51 9.62
N ILE A 22 -12.00 -5.70 8.89
CA ILE A 22 -12.30 -4.27 8.75
C ILE A 22 -13.64 -4.01 8.06
N GLU A 23 -13.97 -4.78 7.02
CA GLU A 23 -15.23 -4.61 6.31
C GLU A 23 -16.42 -4.92 7.22
N GLY A 24 -16.32 -6.01 7.96
CA GLY A 24 -17.39 -6.41 8.88
C GLY A 24 -17.58 -5.49 10.08
N LEU A 25 -16.55 -4.71 10.39
CA LEU A 25 -16.52 -3.87 11.59
C LEU A 25 -17.49 -2.73 11.42
N THR A 26 -18.43 -2.60 12.34
CA THR A 26 -19.44 -1.52 12.31
C THR A 26 -19.70 -0.98 13.72
N THR A 27 -20.07 0.28 13.83
CA THR A 27 -20.38 0.84 15.15
C THR A 27 -21.61 0.13 15.76
N ARG A 28 -22.55 -0.30 14.91
CA ARG A 28 -23.71 -1.08 15.33
C ARG A 28 -23.32 -2.41 16.02
N LYS A 29 -22.29 -3.07 15.49
CA LYS A 29 -21.85 -4.35 16.05
C LYS A 29 -20.99 -4.17 17.30
N LEU A 30 -20.37 -3.02 17.44
CA LEU A 30 -19.54 -2.72 18.60
C LEU A 30 -20.42 -2.38 19.80
N ALA A 31 -21.45 -1.57 19.56
CA ALA A 31 -22.50 -1.33 20.55
C ALA A 31 -23.13 -2.65 21.03
N GLN A 32 -23.50 -3.51 20.08
CA GLN A 32 -24.04 -4.85 20.44
C GLN A 32 -23.06 -5.59 21.34
N LYS A 33 -21.81 -5.70 20.90
CA LYS A 33 -20.77 -6.38 21.67
C LYS A 33 -20.55 -5.77 23.07
N LEU A 34 -20.62 -4.45 23.15
CA LEU A 34 -20.44 -3.73 24.40
C LEU A 34 -21.69 -3.78 25.29
N GLY A 35 -22.82 -4.20 24.73
CA GLY A 35 -24.06 -4.25 25.49
C GLY A 35 -24.49 -2.85 25.91
N VAL A 36 -24.56 -1.96 24.94
CA VAL A 36 -25.01 -0.60 25.18
C VAL A 36 -25.81 -0.15 23.98
N GLU A 37 -26.64 0.86 24.16
CA GLU A 37 -27.48 1.37 23.09
C GLU A 37 -26.62 2.23 22.15
N GLN A 38 -27.15 2.54 20.97
CA GLN A 38 -26.36 3.21 19.96
C GLN A 38 -25.85 4.58 20.40
N PRO A 39 -26.72 5.41 21.01
CA PRO A 39 -26.25 6.76 21.33
C PRO A 39 -25.27 6.77 22.50
N THR A 40 -25.36 5.79 23.38
CA THR A 40 -24.36 5.61 24.41
C THR A 40 -22.96 5.54 23.79
N LEU A 41 -22.78 4.62 22.84
CA LEU A 41 -21.49 4.48 22.13
C LEU A 41 -21.20 5.69 21.27
N TYR A 42 -22.24 6.23 20.66
CA TYR A 42 -22.08 7.37 19.77
C TYR A 42 -21.14 8.45 20.32
N TRP A 43 -21.32 8.77 21.60
CA TRP A 43 -20.56 9.85 22.24
C TRP A 43 -19.10 9.45 22.47
N HIS A 44 -18.82 8.14 22.42
CA HIS A 44 -17.44 7.63 22.39
C HIS A 44 -16.89 7.51 20.97
N VAL A 45 -17.60 6.80 20.08
CA VAL A 45 -17.28 6.74 18.64
C VAL A 45 -18.46 7.12 17.77
N LYS A 46 -18.34 8.23 17.04
CA LYS A 46 -19.45 8.81 16.30
C LYS A 46 -19.82 8.02 15.04
N ASN A 47 -18.86 7.24 14.54
CA ASN A 47 -19.03 6.46 13.30
C ASN A 47 -17.85 5.51 13.06
N LYS A 48 -17.83 4.81 11.94
CA LYS A 48 -16.76 3.83 11.67
C LYS A 48 -15.41 4.52 11.40
N ARG A 49 -15.44 5.66 10.71
CA ARG A 49 -14.23 6.42 10.40
C ARG A 49 -13.53 6.90 11.68
N ALA A 50 -14.32 7.39 12.64
CA ALA A 50 -13.80 7.74 13.97
C ALA A 50 -13.27 6.49 14.68
N LEU A 51 -13.99 5.39 14.56
CA LEU A 51 -13.55 4.16 15.20
C LEU A 51 -12.23 3.67 14.63
N LEU A 52 -12.10 3.72 13.31
CA LEU A 52 -10.89 3.26 12.63
C LEU A 52 -9.71 4.14 13.03
N ASP A 53 -9.93 5.44 13.08
CA ASP A 53 -8.91 6.37 13.53
C ASP A 53 -8.42 6.04 14.94
N ALA A 54 -9.36 5.78 15.84
CA ALA A 54 -9.05 5.48 17.24
C ALA A 54 -8.27 4.17 17.32
N LEU A 55 -8.63 3.21 16.48
CA LEU A 55 -7.94 1.90 16.41
C LEU A 55 -6.52 2.02 15.88
N ALA A 56 -6.35 2.81 14.83
CA ALA A 56 -5.06 3.02 14.19
C ALA A 56 -4.06 3.55 15.21
N VAL A 57 -4.46 4.61 15.90
CA VAL A 57 -3.65 5.25 16.94
C VAL A 57 -3.30 4.26 18.05
N GLU A 58 -4.30 3.50 18.49
CA GLU A 58 -4.14 2.55 19.60
C GLU A 58 -3.22 1.41 19.28
N ILE A 59 -3.31 0.92 18.04
CA ILE A 59 -2.47 -0.17 17.56
C ILE A 59 -0.98 0.20 17.61
N LEU A 60 -0.65 1.40 17.17
CA LEU A 60 0.73 1.92 17.28
C LEU A 60 1.12 2.20 18.73
N ALA A 61 0.19 2.72 19.53
CA ALA A 61 0.45 3.02 20.95
C ALA A 61 0.88 1.77 21.68
N ARG A 62 0.23 0.66 21.35
CA ARG A 62 0.47 -0.60 22.04
C ARG A 62 1.57 -1.42 21.44
N HIS A 63 1.75 -1.37 20.12
CA HIS A 63 2.58 -2.38 19.46
C HIS A 63 3.68 -1.83 18.58
N LYS A 64 3.70 -0.51 18.33
CA LYS A 64 4.86 0.10 17.66
C LYS A 64 5.90 0.49 18.72
N ASP A 65 6.75 -0.47 19.05
CA ASP A 65 7.68 -0.32 20.15
C ASP A 65 8.84 0.67 19.88
N TYR A 66 9.03 1.06 18.63
CA TYR A 66 10.07 2.05 18.29
C TYR A 66 9.51 3.28 17.59
N SER A 67 9.89 4.46 18.07
CA SER A 67 9.56 5.71 17.40
C SER A 67 10.70 6.70 17.38
N LEU A 68 11.40 6.87 18.49
CA LEU A 68 12.46 7.88 18.56
C LEU A 68 13.85 7.24 18.56
N PRO A 69 14.83 7.95 17.98
CA PRO A 69 16.15 7.35 17.93
C PRO A 69 16.86 7.46 19.27
N ALA A 70 17.68 6.48 19.57
CA ALA A 70 18.58 6.56 20.73
C ALA A 70 19.63 7.64 20.44
N ALA A 71 20.17 8.22 21.51
CA ALA A 71 21.30 9.14 21.44
C ALA A 71 22.45 8.51 20.68
N GLY A 72 22.93 9.16 19.62
CA GLY A 72 23.99 8.62 18.81
C GLY A 72 23.60 7.55 17.81
N GLU A 73 22.29 7.35 17.58
CA GLU A 73 21.83 6.43 16.52
C GLU A 73 21.82 7.15 15.19
N SER A 74 22.19 6.44 14.11
CA SER A 74 22.21 7.02 12.75
C SER A 74 20.80 7.25 12.22
N TRP A 75 20.64 8.17 11.27
CA TRP A 75 19.33 8.34 10.64
C TRP A 75 18.91 7.09 9.84
N GLN A 76 19.88 6.41 9.25
CA GLN A 76 19.65 5.16 8.53
C GLN A 76 18.96 4.15 9.43
N SER A 77 19.59 3.88 10.57
CA SER A 77 19.04 2.99 11.58
C SER A 77 17.68 3.46 12.08
N PHE A 78 17.52 4.77 12.29
CA PHE A 78 16.24 5.30 12.70
C PHE A 78 15.13 4.93 11.71
N LEU A 79 15.36 5.19 10.44
CA LEU A 79 14.36 4.85 9.41
C LEU A 79 14.11 3.34 9.35
N ARG A 80 15.18 2.56 9.37
CA ARG A 80 15.03 1.12 9.29
C ARG A 80 14.20 0.60 10.46
N ASN A 81 14.49 1.12 11.65
CA ASN A 81 13.84 0.66 12.88
C ASN A 81 12.40 1.08 12.97
N ASN A 82 12.08 2.26 12.46
CA ASN A 82 10.70 2.73 12.46
CA ASN A 82 10.68 2.72 12.45
C ASN A 82 9.85 1.83 11.56
N ALA A 83 10.34 1.58 10.35
CA ALA A 83 9.65 0.71 9.38
C ALA A 83 9.38 -0.70 9.91
N MET A 84 10.44 -1.38 10.37
CA MET A 84 10.33 -2.71 10.99
C MET A 84 9.29 -2.75 12.11
N SER A 85 9.35 -1.77 13.01
CA SER A 85 8.40 -1.65 14.14
C SER A 85 6.99 -1.34 13.64
N PHE A 86 6.90 -0.42 12.69
CA PHE A 86 5.60 -0.06 12.08
C PHE A 86 4.96 -1.34 11.51
N ARG A 87 5.76 -2.09 10.75
CA ARG A 87 5.29 -3.33 10.15
C ARG A 87 4.79 -4.35 11.18
N ARG A 88 5.52 -4.51 12.28
CA ARG A 88 5.11 -5.41 13.37
C ARG A 88 3.76 -5.00 13.98
N ALA A 89 3.61 -3.74 14.29
CA ALA A 89 2.34 -3.24 14.81
C ALA A 89 1.18 -3.51 13.84
N LEU A 90 1.42 -3.31 12.55
CA LEU A 90 0.41 -3.55 11.50
C LEU A 90 0.07 -5.02 11.36
N LEU A 91 1.08 -5.86 11.53
CA LEU A 91 0.86 -7.31 11.48
C LEU A 91 0.13 -7.88 12.69
N ARG A 92 -0.10 -7.07 13.73
CA ARG A 92 -0.61 -7.58 15.01
C ARG A 92 -2.09 -8.00 14.97
N TYR A 93 -2.87 -7.18 14.29
CA TYR A 93 -4.30 -7.32 14.22
C TYR A 93 -4.74 -7.52 12.79
N ARG A 94 -5.89 -8.15 12.63
CA ARG A 94 -6.43 -8.48 11.33
C ARG A 94 -6.72 -7.18 10.58
N ASP A 95 -6.31 -7.13 9.30
CA ASP A 95 -6.47 -5.93 8.47
C ASP A 95 -5.86 -4.68 9.10
N GLY A 96 -4.81 -4.84 9.90
CA GLY A 96 -4.19 -3.70 10.57
C GLY A 96 -3.66 -2.63 9.63
N ALA A 97 -3.08 -3.04 8.51
CA ALA A 97 -2.58 -2.08 7.51
C ALA A 97 -3.75 -1.32 6.88
N LYS A 98 -4.88 -2.00 6.69
CA LYS A 98 -6.09 -1.32 6.17
C LYS A 98 -6.65 -0.31 7.15
N VAL A 99 -6.60 -0.62 8.44
CA VAL A 99 -7.02 0.33 9.47
C VAL A 99 -6.17 1.60 9.44
N HIS A 100 -4.88 1.45 9.15
CA HIS A 100 -4.01 2.59 9.16
C HIS A 100 -4.25 3.52 8.00
N LEU A 101 -4.69 2.99 6.87
CA LEU A 101 -4.72 3.76 5.63
C LEU A 101 -5.54 5.04 5.76
N GLY A 102 -5.04 6.11 5.16
CA GLY A 102 -5.74 7.37 5.08
C GLY A 102 -5.57 8.29 6.25
N THR A 103 -5.20 7.75 7.42
CA THR A 103 -5.09 8.53 8.64
C THR A 103 -4.01 9.60 8.55
N ARG A 104 -4.08 10.54 9.50
CA ARG A 104 -3.00 11.51 9.73
C ARG A 104 -2.54 11.36 11.18
N PRO A 105 -1.38 11.95 11.51
CA PRO A 105 -1.00 11.92 12.92
C PRO A 105 -2.04 12.59 13.83
N ASP A 106 -2.23 11.99 15.00
CA ASP A 106 -3.15 12.48 16.00
C ASP A 106 -2.41 13.49 16.85
N GLU A 107 -3.13 14.40 17.51
CA GLU A 107 -2.51 15.42 18.36
C GLU A 107 -1.61 14.83 19.44
N LYS A 108 -1.97 13.65 19.92
CA LYS A 108 -1.17 12.90 20.90
C LYS A 108 0.13 12.37 20.31
N GLN A 109 0.21 12.30 18.98
CA GLN A 109 1.45 11.85 18.28
C GLN A 109 2.32 13.04 17.79
N TYR A 110 1.79 14.26 17.90
CA TYR A 110 2.47 15.45 17.36
C TYR A 110 3.86 15.67 17.92
N ASP A 111 4.02 15.45 19.21
CA ASP A 111 5.31 15.69 19.87
C ASP A 111 6.38 14.73 19.33
N THR A 112 6.01 13.47 19.17
CA THR A 112 6.88 12.47 18.56
C THR A 112 7.21 12.78 17.10
N VAL A 113 6.19 13.11 16.31
CA VAL A 113 6.40 13.40 14.90
C VAL A 113 7.36 14.57 14.73
N GLU A 114 7.14 15.64 15.48
CA GLU A 114 7.97 16.84 15.42
C GLU A 114 9.41 16.51 15.79
N THR A 115 9.60 15.72 16.85
CA THR A 115 10.91 15.22 17.21
C THR A 115 11.57 14.40 16.09
N GLN A 116 10.75 13.57 15.44
CA GLN A 116 11.22 12.75 14.31
C GLN A 116 11.64 13.61 13.13
N LEU A 117 10.81 14.59 12.80
CA LEU A 117 11.15 15.54 11.71
C LEU A 117 12.40 16.37 12.03
N ARG A 118 12.48 16.88 13.26
CA ARG A 118 13.63 17.66 13.68
C ARG A 118 14.95 16.85 13.61
N PHE A 119 14.88 15.60 14.06
CA PHE A 119 16.04 14.69 14.03
C PHE A 119 16.57 14.56 12.60
N MET A 120 15.67 14.36 11.65
CA MET A 120 16.07 14.32 10.26
C MET A 120 16.75 15.62 9.85
N THR A 121 16.17 16.77 10.20
CA THR A 121 16.81 18.08 9.91
C THR A 121 18.16 18.25 10.62
N GLU A 122 18.30 17.64 11.78
CA GLU A 122 19.57 17.63 12.47
C GLU A 122 20.64 16.76 11.77
N ASN A 123 20.23 15.85 10.90
CA ASN A 123 21.17 15.07 10.09
C ASN A 123 21.33 15.56 8.65
N GLY A 124 20.96 16.81 8.39
CA GLY A 124 21.31 17.44 7.11
C GLY A 124 20.26 17.27 6.03
N PHE A 125 19.12 16.66 6.37
CA PHE A 125 17.97 16.68 5.49
C PHE A 125 17.29 18.04 5.58
N SER A 126 16.80 18.53 4.45
CA SER A 126 15.84 19.61 4.47
C SER A 126 14.60 19.02 5.11
N LEU A 127 13.77 19.83 5.72
CA LEU A 127 12.50 19.35 6.23
C LEU A 127 11.74 18.55 5.16
N ARG A 128 11.67 19.09 3.94
CA ARG A 128 10.97 18.45 2.81
C ARG A 128 11.48 17.04 2.52
N ASP A 129 12.80 16.91 2.36
CA ASP A 129 13.45 15.65 2.00
C ASP A 129 13.41 14.66 3.16
N GLY A 130 13.53 15.14 4.39
CA GLY A 130 13.32 14.28 5.56
C GLY A 130 11.89 13.77 5.63
N LEU A 131 10.93 14.65 5.44
CA LEU A 131 9.54 14.24 5.33
C LEU A 131 9.37 13.19 4.22
N TYR A 132 9.88 13.48 3.03
CA TYR A 132 9.68 12.56 1.89
C TYR A 132 10.33 11.21 2.15
N ALA A 133 11.46 11.20 2.85
CA ALA A 133 12.10 9.93 3.22
C ALA A 133 11.20 9.11 4.14
N ILE A 134 10.67 9.75 5.17
CA ILE A 134 9.80 9.07 6.14
C ILE A 134 8.53 8.55 5.47
N LEU A 135 7.87 9.40 4.68
CA LEU A 135 6.69 9.00 3.93
C LEU A 135 6.97 7.85 3.00
N ALA A 136 8.13 7.87 2.32
CA ALA A 136 8.47 6.78 1.39
C ALA A 136 8.55 5.45 2.14
N VAL A 137 9.24 5.46 3.27
CA VAL A 137 9.35 4.26 4.09
C VAL A 137 7.96 3.78 4.59
N ILE A 138 7.11 4.70 5.00
CA ILE A 138 5.77 4.34 5.47
C ILE A 138 4.97 3.72 4.33
N HIS A 139 5.04 4.35 3.18
CA HIS A 139 4.20 3.93 2.07
C HIS A 139 4.60 2.58 1.55
N PHE A 140 5.89 2.40 1.40
CA PHE A 140 6.43 1.13 0.99
C PHE A 140 6.07 0.01 1.98
N THR A 141 6.15 0.33 3.27
CA THR A 141 5.85 -0.63 4.31
C THR A 141 4.37 -1.03 4.27
N LEU A 142 3.47 -0.06 4.19
CA LEU A 142 2.03 -0.33 3.99
C LEU A 142 1.78 -1.24 2.80
N GLY A 143 2.34 -0.90 1.65
CA GLY A 143 2.12 -1.68 0.43
C GLY A 143 2.62 -3.09 0.52
N ALA A 144 3.81 -3.28 1.09
CA ALA A 144 4.35 -4.61 1.29
C ALA A 144 3.47 -5.44 2.21
N VAL A 145 3.07 -4.86 3.32
CA VAL A 145 2.23 -5.54 4.32
C VAL A 145 0.87 -5.86 3.70
N LEU A 146 0.25 -4.88 3.06
CA LEU A 146 -1.07 -5.05 2.45
C LEU A 146 -1.08 -6.15 1.38
N GLU A 147 -0.03 -6.15 0.55
CA GLU A 147 0.16 -7.21 -0.44
C GLU A 147 0.37 -8.57 0.20
N GLN A 148 0.99 -8.58 1.39
CA GLN A 148 1.24 -9.79 2.18
C GLN A 148 -0.06 -10.29 2.79
N GLN A 149 -0.75 -9.39 3.49
CA GLN A 149 -2.01 -9.68 4.13
C GLN A 149 -3.12 -10.04 3.11
N GLU A 150 -2.98 -9.65 1.84
CA GLU A 150 -4.06 -9.82 0.86
C GLU A 150 -3.86 -10.99 -0.09
N HIS A 151 -2.62 -11.29 -0.46
CA HIS A 151 -2.39 -12.45 -1.33
C HIS A 151 -2.66 -13.75 -0.58
N THR A 152 -2.20 -13.83 0.67
CA THR A 152 -2.46 -15.00 1.50
C THR A 152 -3.96 -15.15 1.76
N ALA A 153 -4.64 -14.03 2.05
CA ALA A 153 -6.09 -14.02 2.25
C ALA A 153 -6.86 -14.71 1.12
N ALA A 154 -6.43 -14.49 -0.13
CA ALA A 154 -7.14 -15.01 -1.30
C ALA A 154 -6.57 -16.34 -1.81
N LEU A 155 -6.02 -17.16 -0.91
CA LEU A 155 -5.33 -18.40 -1.33
C LEU A 155 -6.25 -19.48 -1.89
N THR A 156 -7.37 -19.75 -1.22
CA THR A 156 -8.35 -20.74 -1.70
C THR A 156 -9.51 -20.07 -2.45
N ASP A 157 -9.18 -19.13 -3.33
CA ASP A 157 -10.14 -18.55 -4.27
C ASP A 157 -9.50 -18.45 -5.65
N ALA A 161 -3.49 -24.62 -8.56
CA ALA A 161 -2.51 -25.38 -9.35
C ALA A 161 -1.76 -24.44 -10.29
N PRO A 162 -0.41 -24.49 -10.28
CA PRO A 162 0.39 -23.52 -11.05
C PRO A 162 0.20 -23.71 -12.55
N ASP A 163 -0.22 -22.62 -13.22
CA ASP A 163 -0.52 -22.63 -14.65
C ASP A 163 0.66 -23.20 -15.46
N GLU A 164 0.36 -24.24 -16.24
CA GLU A 164 1.36 -24.95 -17.02
C GLU A 164 1.93 -24.08 -18.16
N ASN A 165 1.18 -23.06 -18.59
CA ASN A 165 1.67 -22.08 -19.59
C ASN A 165 2.54 -20.94 -19.03
N LEU A 166 2.88 -21.01 -17.74
CA LEU A 166 3.78 -20.02 -17.15
C LEU A 166 5.14 -20.00 -17.84
N PRO A 167 5.56 -18.84 -18.36
CA PRO A 167 6.93 -18.75 -18.87
C PRO A 167 7.94 -18.84 -17.71
N PRO A 168 9.21 -19.16 -18.01
CA PRO A 168 10.24 -19.58 -17.03
C PRO A 168 10.69 -18.57 -15.97
N LEU A 169 10.96 -17.32 -16.36
CA LEU A 169 11.36 -16.33 -15.36
C LEU A 169 10.17 -16.05 -14.44
N LEU A 170 8.97 -15.93 -15.03
CA LEU A 170 7.78 -15.68 -14.25
C LEU A 170 7.51 -16.84 -13.29
N ARG A 171 7.62 -18.08 -13.78
CA ARG A 171 7.43 -19.26 -12.90
C ARG A 171 8.40 -19.20 -11.73
N GLU A 172 9.67 -19.05 -12.04
CA GLU A 172 10.72 -18.96 -11.03
C GLU A 172 10.51 -17.76 -10.09
N ALA A 173 10.08 -16.62 -10.65
CA ALA A 173 9.78 -15.43 -9.85
C ALA A 173 8.68 -15.68 -8.83
N LEU A 174 7.60 -16.30 -9.29
CA LEU A 174 6.52 -16.69 -8.39
C LEU A 174 7.00 -17.71 -7.35
N GLN A 175 7.91 -18.60 -7.76
CA GLN A 175 8.55 -19.51 -6.81
C GLN A 175 9.29 -18.68 -5.75
N ILE A 176 10.10 -17.72 -6.18
CA ILE A 176 10.84 -16.85 -5.24
C ILE A 176 9.91 -16.13 -4.25
N MET A 177 8.76 -15.65 -4.72
CA MET A 177 7.88 -14.85 -3.87
C MET A 177 7.18 -15.67 -2.78
N ASP A 178 6.81 -16.90 -3.13
CA ASP A 178 6.10 -17.78 -2.21
C ASP A 178 7.00 -18.40 -1.13
N SER A 179 8.30 -18.50 -1.43
CA SER A 179 9.28 -19.06 -0.52
C SER A 179 9.22 -18.52 0.91
N ASP A 180 8.65 -17.32 1.09
CA ASP A 180 8.46 -16.77 2.44
C ASP A 180 7.20 -15.87 2.59
N ASP A 181 7.09 -15.21 3.75
CA ASP A 181 5.93 -14.36 4.05
C ASP A 181 6.03 -12.94 3.45
N GLY A 182 7.07 -12.70 2.65
CA GLY A 182 7.32 -11.38 2.04
C GLY A 182 8.46 -10.62 2.71
N GLU A 183 8.95 -11.12 3.85
CA GLU A 183 9.93 -10.38 4.66
C GLU A 183 11.25 -10.14 3.95
N GLN A 184 11.70 -11.08 3.15
CA GLN A 184 12.97 -10.93 2.45
C GLN A 184 12.87 -9.76 1.44
N ALA A 185 11.79 -9.76 0.68
CA ALA A 185 11.54 -8.71 -0.31
C ALA A 185 11.38 -7.37 0.38
N PHE A 186 10.62 -7.34 1.46
CA PHE A 186 10.43 -6.13 2.23
C PHE A 186 11.76 -5.53 2.73
N LEU A 187 12.63 -6.36 3.31
CA LEU A 187 13.89 -5.84 3.87
C LEU A 187 14.82 -5.34 2.76
N HIS A 188 14.82 -6.01 1.61
CA HIS A 188 15.59 -5.54 0.45
C HIS A 188 15.09 -4.16 -0.05
N GLY A 189 13.77 -4.01 -0.14
CA GLY A 189 13.19 -2.77 -0.58
C GLY A 189 13.46 -1.61 0.37
N LEU A 190 13.34 -1.88 1.66
CA LEU A 190 13.64 -0.92 2.72
C LEU A 190 15.09 -0.45 2.67
N GLU A 191 16.01 -1.38 2.44
CA GLU A 191 17.41 -1.02 2.37
C GLU A 191 17.77 -0.25 1.09
N SER A 192 17.18 -0.64 -0.04
CA SER A 192 17.26 0.18 -1.26
C SER A 192 16.82 1.64 -1.05
N LEU A 193 15.67 1.87 -0.42
CA LEU A 193 15.24 3.22 -0.01
C LEU A 193 16.33 3.94 0.77
N ILE A 194 16.85 3.29 1.80
CA ILE A 194 17.85 3.89 2.68
C ILE A 194 19.15 4.22 1.93
N ARG A 195 19.61 3.33 1.07
CA ARG A 195 20.81 3.59 0.27
C ARG A 195 20.59 4.75 -0.69
N GLY A 196 19.38 4.88 -1.22
CA GLY A 196 19.04 5.98 -2.13
C GLY A 196 18.96 7.32 -1.43
N PHE A 197 18.41 7.34 -0.22
CA PHE A 197 18.40 8.55 0.60
C PHE A 197 19.86 8.96 0.84
N GLU A 198 20.70 8.00 1.19
CA GLU A 198 22.12 8.31 1.39
C GLU A 198 22.80 9.00 0.21
N VAL A 199 22.66 8.39 -0.98
CA VAL A 199 23.26 8.92 -2.21
C VAL A 199 22.77 10.33 -2.45
N GLN A 200 21.47 10.55 -2.26
CA GLN A 200 20.87 11.88 -2.47
C GLN A 200 21.39 12.88 -1.45
N LEU A 201 21.42 12.50 -0.18
CA LEU A 201 21.89 13.40 0.86
C LEU A 201 23.36 13.77 0.59
N THR A 202 24.14 12.80 0.14
CA THR A 202 25.53 13.02 -0.23
C THR A 202 25.66 13.88 -1.47
N ALA A 203 24.82 13.62 -2.48
CA ALA A 203 24.83 14.41 -3.71
C ALA A 203 24.68 15.90 -3.39
N LEU A 204 23.68 16.23 -2.56
CA LEU A 204 23.48 17.59 -2.09
C LEU A 204 24.59 18.02 -1.14
N LEU A 205 24.74 17.33 -0.01
CA LEU A 205 25.77 17.69 0.98
C LEU A 205 27.21 17.39 0.49
N GLN A 206 27.46 17.72 -0.79
CA GLN A 206 28.79 17.78 -1.39
C GLN A 206 28.83 18.95 -2.36
N LEU B 4 -24.43 -9.69 -22.03
CA LEU B 4 -24.94 -10.84 -21.23
C LEU B 4 -23.85 -11.92 -21.09
N ASP B 5 -22.60 -11.47 -20.93
CA ASP B 5 -21.43 -12.32 -21.13
C ASP B 5 -20.38 -12.14 -19.99
N LYS B 6 -19.08 -12.27 -20.29
CA LYS B 6 -18.01 -11.87 -19.36
C LYS B 6 -17.62 -10.40 -19.50
N SER B 7 -17.56 -9.91 -20.73
CA SER B 7 -17.11 -8.53 -20.97
C SER B 7 -18.06 -7.47 -20.46
N LYS B 8 -19.36 -7.74 -20.43
CA LYS B 8 -20.32 -6.71 -20.00
C LYS B 8 -20.48 -6.69 -18.48
N VAL B 9 -20.19 -7.82 -17.83
CA VAL B 9 -20.02 -7.83 -16.39
C VAL B 9 -18.99 -6.74 -16.07
N ILE B 10 -17.81 -6.87 -16.69
CA ILE B 10 -16.66 -5.98 -16.45
C ILE B 10 -16.95 -4.48 -16.59
N ASN B 11 -17.78 -4.12 -17.55
CA ASN B 11 -18.03 -2.72 -17.85
C ASN B 11 -19.07 -2.10 -16.91
N SER B 12 -19.98 -2.94 -16.41
CA SER B 12 -20.92 -2.58 -15.33
C SER B 12 -20.17 -2.47 -14.01
N ALA B 13 -19.29 -3.44 -13.80
CA ALA B 13 -18.54 -3.55 -12.54
C ALA B 13 -17.58 -2.38 -12.34
N LEU B 14 -17.01 -1.85 -13.42
CA LEU B 14 -16.19 -0.65 -13.36
C LEU B 14 -17.01 0.56 -12.96
N GLU B 15 -18.23 0.62 -13.49
CA GLU B 15 -19.14 1.74 -13.22
C GLU B 15 -19.58 1.69 -11.77
N LEU B 16 -19.94 0.49 -11.32
CA LEU B 16 -20.34 0.31 -9.95
C LEU B 16 -19.21 0.67 -8.99
N LEU B 17 -18.00 0.15 -9.24
CA LEU B 17 -16.81 0.44 -8.41
C LEU B 17 -16.61 1.94 -8.17
N ASN B 18 -16.66 2.72 -9.24
CA ASN B 18 -16.62 4.19 -9.15
C ASN B 18 -17.78 4.77 -8.32
N GLU B 19 -18.95 4.14 -8.39
CA GLU B 19 -20.12 4.61 -7.66
C GLU B 19 -20.08 4.32 -6.16
N VAL B 20 -19.78 3.08 -5.78
CA VAL B 20 -19.86 2.62 -4.38
C VAL B 20 -18.52 2.19 -3.77
N GLY B 21 -17.48 2.06 -4.58
CA GLY B 21 -16.20 1.55 -4.11
C GLY B 21 -16.16 0.05 -3.89
N ILE B 22 -14.97 -0.43 -3.62
CA ILE B 22 -14.69 -1.86 -3.52
C ILE B 22 -15.58 -2.58 -2.48
N GLU B 23 -15.84 -1.92 -1.36
CA GLU B 23 -16.65 -2.52 -0.28
C GLU B 23 -18.08 -2.81 -0.75
N GLY B 24 -18.69 -1.82 -1.41
CA GLY B 24 -20.04 -1.93 -1.92
C GLY B 24 -20.19 -2.74 -3.20
N LEU B 25 -19.08 -3.07 -3.86
CA LEU B 25 -19.12 -3.89 -5.07
C LEU B 25 -19.35 -5.35 -4.71
N THR B 26 -20.61 -5.77 -4.72
CA THR B 26 -20.95 -7.13 -4.36
C THR B 26 -21.40 -7.91 -5.59
N THR B 27 -21.34 -9.23 -5.48
CA THR B 27 -21.99 -10.13 -6.43
C THR B 27 -23.46 -9.73 -6.56
N ARG B 28 -24.13 -9.60 -5.42
CA ARG B 28 -25.55 -9.25 -5.37
C ARG B 28 -25.87 -7.93 -6.08
N LYS B 29 -25.15 -6.87 -5.71
CA LYS B 29 -25.37 -5.55 -6.32
C LYS B 29 -25.06 -5.50 -7.80
N LEU B 30 -24.06 -6.25 -8.27
CA LEU B 30 -23.75 -6.22 -9.71
C LEU B 30 -24.87 -6.92 -10.50
N ALA B 31 -25.35 -8.05 -10.00
CA ALA B 31 -26.49 -8.76 -10.60
C ALA B 31 -27.71 -7.85 -10.76
N GLN B 32 -28.04 -7.10 -9.72
CA GLN B 32 -29.13 -6.09 -9.75
C GLN B 32 -28.92 -5.07 -10.88
N LYS B 33 -27.74 -4.46 -10.88
CA LYS B 33 -27.35 -3.45 -11.87
C LYS B 33 -27.41 -4.02 -13.29
N LEU B 34 -27.10 -5.31 -13.43
CA LEU B 34 -27.23 -6.02 -14.72
C LEU B 34 -28.67 -6.47 -14.97
N GLY B 35 -29.40 -6.75 -13.89
CA GLY B 35 -30.77 -7.24 -13.99
C GLY B 35 -30.77 -8.68 -14.45
N VAL B 36 -30.06 -9.53 -13.72
CA VAL B 36 -30.04 -10.98 -13.92
C VAL B 36 -29.86 -11.66 -12.57
N GLU B 37 -30.08 -12.98 -12.51
CA GLU B 37 -29.88 -13.72 -11.27
C GLU B 37 -28.38 -13.83 -10.96
N GLN B 38 -28.09 -14.10 -9.70
CA GLN B 38 -26.71 -14.17 -9.19
C GLN B 38 -25.90 -15.33 -9.77
N PRO B 39 -26.52 -16.51 -9.92
CA PRO B 39 -25.82 -17.65 -10.54
C PRO B 39 -25.49 -17.48 -12.02
N THR B 40 -26.13 -16.52 -12.69
CA THR B 40 -25.91 -16.30 -14.11
C THR B 40 -24.68 -15.39 -14.37
N LEU B 41 -24.38 -14.51 -13.42
CA LEU B 41 -23.10 -13.79 -13.43
C LEU B 41 -21.97 -14.79 -13.26
N TYR B 42 -22.24 -15.83 -12.49
CA TYR B 42 -21.23 -16.85 -12.20
C TYR B 42 -20.64 -17.49 -13.45
N TRP B 43 -21.42 -17.61 -14.52
CA TRP B 43 -20.97 -18.28 -15.75
C TRP B 43 -19.76 -17.58 -16.36
N HIS B 44 -19.62 -16.31 -16.01
CA HIS B 44 -18.67 -15.42 -16.62
C HIS B 44 -17.71 -14.85 -15.55
N VAL B 45 -18.26 -14.29 -14.47
CA VAL B 45 -17.48 -13.88 -13.28
C VAL B 45 -17.85 -14.70 -12.02
N LYS B 46 -17.04 -15.73 -11.77
CA LYS B 46 -17.27 -16.70 -10.68
C LYS B 46 -17.75 -16.04 -9.37
N ASN B 47 -16.88 -15.25 -8.76
CA ASN B 47 -17.14 -14.61 -7.44
C ASN B 47 -16.59 -13.17 -7.39
N LYS B 48 -16.46 -12.60 -6.20
CA LYS B 48 -15.96 -11.24 -6.10
C LYS B 48 -14.44 -11.18 -6.33
N ARG B 49 -13.71 -12.22 -5.90
CA ARG B 49 -12.26 -12.28 -6.10
C ARG B 49 -11.90 -12.33 -7.59
N ALA B 50 -12.52 -13.26 -8.32
CA ALA B 50 -12.35 -13.39 -9.78
C ALA B 50 -12.75 -12.11 -10.50
N LEU B 51 -13.88 -11.55 -10.11
CA LEU B 51 -14.29 -10.25 -10.61
C LEU B 51 -13.23 -9.19 -10.35
N LEU B 52 -12.77 -9.08 -9.10
CA LEU B 52 -11.75 -8.09 -8.76
C LEU B 52 -10.47 -8.32 -9.56
N ASP B 53 -10.06 -9.58 -9.70
CA ASP B 53 -8.90 -9.95 -10.53
C ASP B 53 -9.08 -9.43 -11.94
N ALA B 54 -10.25 -9.70 -12.52
CA ALA B 54 -10.56 -9.20 -13.87
C ALA B 54 -10.54 -7.67 -13.99
N LEU B 55 -11.04 -6.98 -12.96
CA LEU B 55 -11.06 -5.52 -12.96
C LEU B 55 -9.67 -4.94 -12.93
N ALA B 56 -8.82 -5.50 -12.09
CA ALA B 56 -7.43 -5.07 -12.01
C ALA B 56 -6.78 -5.14 -13.41
N VAL B 57 -6.92 -6.28 -14.08
CA VAL B 57 -6.32 -6.48 -15.41
C VAL B 57 -6.86 -5.50 -16.43
N GLU B 58 -8.17 -5.30 -16.40
CA GLU B 58 -8.82 -4.38 -17.33
C GLU B 58 -8.37 -2.94 -17.12
N ILE B 59 -8.19 -2.53 -15.85
CA ILE B 59 -7.76 -1.16 -15.52
C ILE B 59 -6.36 -0.84 -16.06
N LEU B 60 -5.46 -1.80 -15.97
CA LEU B 60 -4.11 -1.59 -16.47
C LEU B 60 -4.09 -1.67 -18.00
N ALA B 61 -4.86 -2.60 -18.54
CA ALA B 61 -4.99 -2.76 -20.00
C ALA B 61 -5.47 -1.46 -20.64
N ARG B 62 -6.39 -0.78 -19.97
CA ARG B 62 -6.94 0.47 -20.47
C ARG B 62 -6.07 1.68 -20.18
N HIS B 63 -5.53 1.75 -18.96
CA HIS B 63 -5.00 3.00 -18.41
C HIS B 63 -3.55 3.00 -17.96
N LYS B 64 -2.88 1.87 -18.05
CA LYS B 64 -1.43 1.84 -17.82
C LYS B 64 -0.74 1.85 -19.17
N ASP B 65 -0.42 3.05 -19.69
CA ASP B 65 0.07 3.09 -21.08
C ASP B 65 1.59 2.86 -21.31
N TYR B 66 2.35 2.60 -20.25
CA TYR B 66 3.75 2.18 -20.37
C TYR B 66 3.91 0.84 -19.63
N SER B 67 4.46 -0.16 -20.33
CA SER B 67 4.84 -1.42 -19.69
C SER B 67 6.18 -1.94 -20.14
N LEU B 68 6.58 -1.65 -21.37
CA LEU B 68 7.80 -2.26 -21.94
C LEU B 68 8.85 -1.22 -22.28
N PRO B 69 10.13 -1.55 -22.08
CA PRO B 69 11.16 -0.59 -22.40
C PRO B 69 11.29 -0.28 -23.89
N ALA B 70 11.57 0.98 -24.20
CA ALA B 70 11.85 1.44 -25.55
C ALA B 70 13.25 0.97 -25.91
N ALA B 71 13.56 0.94 -27.21
CA ALA B 71 14.91 0.61 -27.66
C ALA B 71 15.87 1.62 -27.05
N GLY B 72 16.94 1.11 -26.44
CA GLY B 72 17.99 1.95 -25.85
C GLY B 72 17.77 2.42 -24.41
N GLU B 73 16.63 2.05 -23.82
CA GLU B 73 16.19 2.66 -22.58
C GLU B 73 16.91 2.05 -21.41
N SER B 74 17.33 2.90 -20.48
CA SER B 74 17.94 2.47 -19.23
C SER B 74 16.92 1.73 -18.34
N TRP B 75 17.39 0.82 -17.50
CA TRP B 75 16.50 0.18 -16.52
C TRP B 75 15.91 1.20 -15.52
N GLN B 76 16.68 2.26 -15.23
CA GLN B 76 16.25 3.32 -14.34
C GLN B 76 15.03 3.98 -14.91
N SER B 77 15.11 4.29 -16.20
CA SER B 77 14.01 4.94 -16.88
C SER B 77 12.80 4.02 -17.02
N PHE B 78 13.08 2.75 -17.29
CA PHE B 78 12.04 1.73 -17.36
C PHE B 78 11.29 1.61 -16.03
N LEU B 79 12.01 1.50 -14.92
CA LEU B 79 11.38 1.45 -13.60
C LEU B 79 10.56 2.71 -13.29
N ARG B 80 11.12 3.86 -13.61
CA ARG B 80 10.42 5.13 -13.33
C ARG B 80 9.12 5.26 -14.12
N ASN B 81 9.19 5.03 -15.43
CA ASN B 81 8.01 5.09 -16.29
C ASN B 81 6.98 4.04 -15.93
N ASN B 82 7.43 2.83 -15.59
CA ASN B 82 6.49 1.79 -15.18
C ASN B 82 5.75 2.14 -13.91
N ALA B 83 6.51 2.65 -12.94
CA ALA B 83 5.92 3.03 -11.66
C ALA B 83 4.90 4.17 -11.84
N MET B 84 5.29 5.19 -12.60
CA MET B 84 4.41 6.38 -12.76
C MET B 84 3.15 6.02 -13.55
N SER B 85 3.32 5.24 -14.60
CA SER B 85 2.19 4.73 -15.38
C SER B 85 1.22 3.86 -14.57
N PHE B 86 1.76 3.05 -13.66
CA PHE B 86 0.97 2.18 -12.81
C PHE B 86 0.19 3.03 -11.84
N ARG B 87 0.86 4.02 -11.26
CA ARG B 87 0.20 4.97 -10.36
C ARG B 87 -0.97 5.69 -11.03
N ARG B 88 -0.73 6.21 -12.22
CA ARG B 88 -1.77 6.91 -12.98
C ARG B 88 -3.00 5.99 -13.24
N ALA B 89 -2.72 4.73 -13.57
CA ALA B 89 -3.74 3.73 -13.80
C ALA B 89 -4.52 3.39 -12.53
N LEU B 90 -3.83 3.21 -11.39
CA LEU B 90 -4.50 2.98 -10.10
C LEU B 90 -5.41 4.13 -9.68
N LEU B 91 -5.02 5.33 -10.07
CA LEU B 91 -5.73 6.54 -9.72
C LEU B 91 -6.97 6.79 -10.60
N ARG B 92 -7.14 6.01 -11.66
CA ARG B 92 -8.23 6.26 -12.62
C ARG B 92 -9.59 5.96 -11.97
N TYR B 93 -9.66 4.82 -11.31
CA TYR B 93 -10.90 4.32 -10.70
C TYR B 93 -10.79 4.38 -9.21
N ARG B 94 -11.94 4.55 -8.57
CA ARG B 94 -12.05 4.55 -7.12
C ARG B 94 -11.66 3.19 -6.56
N ASP B 95 -10.90 3.19 -5.48
CA ASP B 95 -10.32 1.99 -4.88
C ASP B 95 -9.55 1.11 -5.87
N GLY B 96 -9.03 1.73 -6.92
CA GLY B 96 -8.26 1.06 -7.95
C GLY B 96 -7.06 0.29 -7.41
N ALA B 97 -6.44 0.82 -6.35
CA ALA B 97 -5.29 0.15 -5.74
C ALA B 97 -5.75 -1.00 -4.85
N LYS B 98 -6.83 -0.80 -4.12
CA LYS B 98 -7.44 -1.87 -3.34
C LYS B 98 -7.80 -3.05 -4.23
N VAL B 99 -8.33 -2.77 -5.41
CA VAL B 99 -8.63 -3.84 -6.38
C VAL B 99 -7.38 -4.70 -6.73
N HIS B 100 -6.23 -4.04 -6.90
CA HIS B 100 -4.99 -4.71 -7.28
CA HIS B 100 -5.00 -4.74 -7.28
C HIS B 100 -4.34 -5.53 -6.16
N LEU B 101 -4.60 -5.18 -4.90
CA LEU B 101 -3.94 -5.89 -3.79
C LEU B 101 -4.09 -7.41 -3.85
N GLY B 102 -2.96 -8.10 -3.80
CA GLY B 102 -2.93 -9.56 -3.71
C GLY B 102 -3.13 -10.29 -5.01
N THR B 103 -3.26 -9.56 -6.13
CA THR B 103 -3.43 -10.21 -7.40
C THR B 103 -2.06 -10.64 -7.87
N ARG B 104 -2.03 -11.65 -8.73
CA ARG B 104 -0.81 -12.08 -9.37
CA ARG B 104 -0.82 -12.11 -9.37
C ARG B 104 -1.03 -11.97 -10.87
N PRO B 105 0.05 -11.99 -11.67
CA PRO B 105 -0.12 -11.83 -13.11
C PRO B 105 -1.09 -12.79 -13.77
N ASP B 106 -1.88 -12.25 -14.68
CA ASP B 106 -2.88 -12.99 -15.44
C ASP B 106 -2.22 -13.52 -16.73
N GLU B 107 -2.83 -14.57 -17.30
CA GLU B 107 -2.36 -15.16 -18.58
CA GLU B 107 -2.35 -15.15 -18.56
C GLU B 107 -2.16 -14.10 -19.66
N LYS B 108 -3.07 -13.12 -19.72
CA LYS B 108 -2.93 -12.00 -20.66
C LYS B 108 -1.75 -11.06 -20.39
N GLN B 109 -1.15 -11.15 -19.22
CA GLN B 109 -0.01 -10.29 -18.88
C GLN B 109 1.33 -11.02 -18.89
N TYR B 110 1.33 -12.35 -19.08
CA TYR B 110 2.57 -13.16 -18.91
C TYR B 110 3.74 -12.72 -19.78
N ASP B 111 3.48 -12.49 -21.06
CA ASP B 111 4.50 -12.05 -22.03
C ASP B 111 5.10 -10.69 -21.70
N THR B 112 4.27 -9.77 -21.23
CA THR B 112 4.76 -8.48 -20.71
C THR B 112 5.63 -8.67 -19.49
N VAL B 113 5.12 -9.38 -18.50
CA VAL B 113 5.85 -9.54 -17.25
C VAL B 113 7.20 -10.24 -17.51
N GLU B 114 7.18 -11.31 -18.32
CA GLU B 114 8.41 -12.03 -18.69
C GLU B 114 9.45 -11.13 -19.36
N THR B 115 9.02 -10.32 -20.32
CA THR B 115 9.89 -9.35 -21.00
C THR B 115 10.51 -8.35 -20.02
N GLN B 116 9.71 -7.88 -19.06
CA GLN B 116 10.21 -6.99 -18.01
C GLN B 116 11.24 -7.69 -17.14
N LEU B 117 10.96 -8.92 -16.73
CA LEU B 117 11.91 -9.70 -15.93
C LEU B 117 13.20 -9.99 -16.70
N ARG B 118 13.05 -10.37 -17.97
CA ARG B 118 14.20 -10.61 -18.84
C ARG B 118 15.05 -9.35 -18.96
N PHE B 119 14.40 -8.23 -19.34
CA PHE B 119 15.04 -6.93 -19.40
C PHE B 119 15.94 -6.69 -18.19
N MET B 120 15.40 -6.87 -16.99
CA MET B 120 16.21 -6.65 -15.79
C MET B 120 17.47 -7.53 -15.82
N THR B 121 17.29 -8.84 -16.03
CA THR B 121 18.40 -9.80 -16.02
C THR B 121 19.47 -9.45 -17.06
N GLU B 122 19.04 -8.93 -18.21
CA GLU B 122 19.92 -8.38 -19.25
C GLU B 122 20.64 -7.07 -18.85
N ASN B 123 20.22 -6.41 -17.77
CA ASN B 123 20.84 -5.15 -17.37
C ASN B 123 21.66 -5.27 -16.09
N GLY B 124 22.04 -6.49 -15.74
CA GLY B 124 22.99 -6.73 -14.67
C GLY B 124 22.38 -7.22 -13.38
N PHE B 125 21.06 -7.30 -13.32
CA PHE B 125 20.35 -7.83 -12.17
C PHE B 125 20.27 -9.36 -12.25
N SER B 126 20.35 -10.01 -11.10
CA SER B 126 19.92 -11.39 -11.00
C SER B 126 18.39 -11.37 -11.05
N LEU B 127 17.79 -12.47 -11.49
CA LEU B 127 16.34 -12.60 -11.46
C LEU B 127 15.84 -12.20 -10.07
N ARG B 128 16.45 -12.71 -9.02
CA ARG B 128 15.99 -12.35 -7.68
C ARG B 128 15.97 -10.84 -7.47
N ASP B 129 17.07 -10.18 -7.82
CA ASP B 129 17.24 -8.76 -7.45
C ASP B 129 16.43 -7.85 -8.36
N GLY B 130 16.30 -8.28 -9.60
CA GLY B 130 15.48 -7.60 -10.58
C GLY B 130 14.04 -7.66 -10.17
N LEU B 131 13.61 -8.84 -9.72
CA LEU B 131 12.28 -9.05 -9.18
C LEU B 131 12.03 -8.20 -7.95
N TYR B 132 12.94 -8.23 -6.98
CA TYR B 132 12.80 -7.48 -5.73
C TYR B 132 12.67 -5.96 -5.95
N ALA B 133 13.41 -5.46 -6.91
CA ALA B 133 13.37 -4.07 -7.32
C ALA B 133 11.99 -3.75 -7.86
N ILE B 134 11.50 -4.57 -8.78
CA ILE B 134 10.15 -4.39 -9.35
C ILE B 134 9.08 -4.47 -8.26
N LEU B 135 9.15 -5.46 -7.40
CA LEU B 135 8.18 -5.55 -6.30
C LEU B 135 8.26 -4.35 -5.34
N ALA B 136 9.48 -3.84 -5.08
CA ALA B 136 9.67 -2.66 -4.23
C ALA B 136 8.98 -1.46 -4.86
N VAL B 137 9.15 -1.31 -6.16
CA VAL B 137 8.50 -0.21 -6.91
C VAL B 137 6.97 -0.40 -6.86
N ILE B 138 6.50 -1.62 -7.07
CA ILE B 138 5.06 -1.91 -7.00
C ILE B 138 4.47 -1.70 -5.61
N HIS B 139 5.16 -2.16 -4.58
CA HIS B 139 4.64 -1.97 -3.22
C HIS B 139 4.63 -0.51 -2.77
N PHE B 140 5.69 0.23 -3.08
CA PHE B 140 5.72 1.66 -2.82
C PHE B 140 4.55 2.41 -3.52
N THR B 141 4.31 2.10 -4.79
CA THR B 141 3.24 2.73 -5.54
C THR B 141 1.90 2.36 -4.94
N LEU B 142 1.67 1.07 -4.69
CA LEU B 142 0.41 0.67 -4.04
C LEU B 142 0.15 1.40 -2.72
N GLY B 143 1.12 1.44 -1.80
CA GLY B 143 0.94 2.15 -0.53
C GLY B 143 0.78 3.66 -0.69
N ALA B 144 1.53 4.25 -1.60
CA ALA B 144 1.45 5.70 -1.81
C ALA B 144 0.05 6.07 -2.29
N VAL B 145 -0.45 5.33 -3.26
CA VAL B 145 -1.77 5.59 -3.82
C VAL B 145 -2.89 5.27 -2.83
N LEU B 146 -2.78 4.14 -2.14
CA LEU B 146 -3.80 3.73 -1.19
C LEU B 146 -3.93 4.72 -0.04
N GLU B 147 -2.82 5.33 0.34
CA GLU B 147 -2.83 6.39 1.35
C GLU B 147 -3.52 7.64 0.84
N GLN B 148 -3.12 8.08 -0.35
CA GLN B 148 -3.76 9.19 -1.05
C GLN B 148 -5.26 8.92 -1.23
N GLN B 149 -5.59 7.85 -1.92
CA GLN B 149 -6.99 7.48 -2.18
C GLN B 149 -7.81 7.47 -0.88
N GLU B 150 -7.26 6.92 0.19
CA GLU B 150 -8.01 6.79 1.45
C GLU B 150 -8.12 8.10 2.21
N HIS B 151 -7.10 8.94 2.12
CA HIS B 151 -7.09 10.21 2.86
C HIS B 151 -8.15 11.15 2.29
N THR B 152 -8.28 11.20 0.97
CA THR B 152 -9.26 12.07 0.34
C THR B 152 -10.67 11.58 0.71
N ALA B 153 -10.92 10.28 0.57
CA ALA B 153 -12.15 9.66 1.07
C ALA B 153 -12.49 10.03 2.51
N ALA B 154 -11.49 10.05 3.39
CA ALA B 154 -11.72 10.22 4.84
C ALA B 154 -12.07 11.66 5.25
N LEU B 155 -11.77 12.63 4.38
CA LEU B 155 -12.02 14.04 4.71
C LEU B 155 -13.53 14.37 4.72
N THR B 156 -14.30 13.58 3.98
CA THR B 156 -15.76 13.59 4.03
C THR B 156 -16.28 13.49 5.48
N ASP B 157 -15.58 12.72 6.30
CA ASP B 157 -15.99 12.44 7.69
C ASP B 157 -15.17 13.17 8.76
N ARG B 158 -13.88 13.39 8.51
CA ARG B 158 -13.01 13.95 9.55
C ARG B 158 -13.10 15.48 9.62
N PRO B 159 -13.08 16.04 10.85
CA PRO B 159 -13.10 17.49 11.01
C PRO B 159 -11.78 18.15 10.64
N ASN B 165 -2.77 26.28 15.52
CA ASN B 165 -1.48 26.61 16.11
C ASN B 165 -0.60 25.36 16.35
N LEU B 166 0.27 25.03 15.37
CA LEU B 166 0.99 23.75 15.29
C LEU B 166 2.50 23.89 15.49
N PRO B 167 3.20 22.78 15.78
CA PRO B 167 4.65 22.82 15.79
C PRO B 167 5.18 23.13 14.39
N PRO B 168 6.28 23.89 14.29
CA PRO B 168 6.79 24.46 13.03
C PRO B 168 7.14 23.45 11.91
N LEU B 169 7.78 22.34 12.27
CA LEU B 169 8.19 21.36 11.26
C LEU B 169 6.97 20.61 10.74
N LEU B 170 6.14 20.12 11.65
CA LEU B 170 4.94 19.39 11.28
C LEU B 170 3.98 20.29 10.50
N ARG B 171 3.87 21.54 10.88
CA ARG B 171 3.02 22.47 10.14
C ARG B 171 3.53 22.58 8.72
N GLU B 172 4.84 22.72 8.57
CA GLU B 172 5.45 22.82 7.26
C GLU B 172 5.27 21.53 6.48
N ALA B 173 5.38 20.39 7.17
CA ALA B 173 5.26 19.09 6.53
C ALA B 173 3.89 18.94 5.92
N LEU B 174 2.86 19.26 6.70
CA LEU B 174 1.47 19.16 6.25
C LEU B 174 1.17 20.07 5.06
N GLN B 175 1.71 21.27 5.05
CA GLN B 175 1.56 22.20 3.93
C GLN B 175 2.19 21.63 2.68
N ILE B 176 3.34 20.96 2.85
CA ILE B 176 4.06 20.32 1.74
C ILE B 176 3.24 19.19 1.15
N MET B 177 2.69 18.35 2.01
CA MET B 177 1.87 17.22 1.57
C MET B 177 0.55 17.59 0.92
N ASP B 178 -0.07 18.64 1.42
CA ASP B 178 -1.33 19.15 0.89
C ASP B 178 -1.16 19.97 -0.40
N SER B 179 0.09 20.29 -0.79
CA SER B 179 0.32 21.09 -1.98
C SER B 179 -0.15 20.39 -3.26
N ASP B 180 -0.07 19.06 -3.29
CA ASP B 180 -0.53 18.31 -4.45
C ASP B 180 -1.16 17.02 -4.00
N ASP B 181 -1.33 16.09 -4.94
CA ASP B 181 -2.02 14.84 -4.65
C ASP B 181 -1.08 13.78 -4.10
N GLY B 182 0.10 14.17 -3.63
CA GLY B 182 1.13 13.20 -3.25
C GLY B 182 2.20 12.96 -4.32
N GLU B 183 2.09 13.61 -5.47
CA GLU B 183 2.96 13.28 -6.61
C GLU B 183 4.44 13.54 -6.39
N GLN B 184 4.79 14.71 -5.86
CA GLN B 184 6.16 15.07 -5.64
C GLN B 184 6.78 14.17 -4.57
N ALA B 185 6.00 13.82 -3.56
CA ALA B 185 6.49 12.93 -2.51
C ALA B 185 6.78 11.55 -3.12
N PHE B 186 5.87 11.11 -3.98
CA PHE B 186 5.99 9.88 -4.72
C PHE B 186 7.26 9.85 -5.58
N LEU B 187 7.43 10.86 -6.41
CA LEU B 187 8.56 10.87 -7.32
C LEU B 187 9.88 10.85 -6.55
N HIS B 188 9.94 11.52 -5.39
CA HIS B 188 11.13 11.48 -4.54
C HIS B 188 11.47 10.08 -4.02
N GLY B 189 10.49 9.39 -3.47
CA GLY B 189 10.68 8.05 -3.01
C GLY B 189 10.99 7.07 -4.12
N LEU B 190 10.42 7.30 -5.30
CA LEU B 190 10.69 6.47 -6.44
C LEU B 190 12.13 6.63 -6.89
N GLU B 191 12.63 7.86 -6.97
CA GLU B 191 14.02 8.09 -7.31
C GLU B 191 14.97 7.50 -6.28
N SER B 192 14.59 7.57 -5.03
CA SER B 192 15.42 7.01 -3.95
C SER B 192 15.55 5.51 -4.10
N LEU B 193 14.45 4.85 -4.40
CA LEU B 193 14.50 3.42 -4.73
C LEU B 193 15.47 3.18 -5.89
N ILE B 194 15.29 3.91 -6.98
CA ILE B 194 16.14 3.69 -8.13
C ILE B 194 17.62 3.95 -7.75
N ARG B 195 17.90 5.08 -7.12
CA ARG B 195 19.28 5.37 -6.71
C ARG B 195 19.87 4.29 -5.82
N GLY B 196 19.05 3.70 -4.95
CA GLY B 196 19.48 2.57 -4.10
C GLY B 196 19.76 1.28 -4.85
N PHE B 197 18.91 0.94 -5.84
CA PHE B 197 19.17 -0.20 -6.70
C PHE B 197 20.53 -0.02 -7.42
N GLU B 198 20.77 1.18 -7.95
CA GLU B 198 22.05 1.50 -8.61
C GLU B 198 23.27 1.26 -7.74
N VAL B 199 23.22 1.77 -6.52
CA VAL B 199 24.29 1.56 -5.54
C VAL B 199 24.52 0.05 -5.31
N GLN B 200 23.44 -0.69 -5.12
CA GLN B 200 23.52 -2.13 -4.83
C GLN B 200 24.12 -2.90 -6.03
N LEU B 201 23.65 -2.59 -7.23
CA LEU B 201 24.13 -3.19 -8.47
C LEU B 201 25.62 -2.91 -8.73
N THR B 202 26.07 -1.69 -8.40
CA THR B 202 27.47 -1.32 -8.50
C THR B 202 28.31 -2.03 -7.43
N ALA B 203 27.75 -2.08 -6.22
CA ALA B 203 28.38 -2.77 -5.10
C ALA B 203 28.77 -4.19 -5.49
N LEU B 204 27.80 -4.94 -6.01
CA LEU B 204 28.00 -6.36 -6.32
C LEU B 204 29.20 -6.58 -7.23
N LEU B 205 29.32 -5.75 -8.28
CA LEU B 205 30.46 -5.80 -9.20
C LEU B 205 31.80 -5.60 -8.47
MG MG C . 0.43 7.21 8.00
C4 4DM D . 6.38 7.33 11.47
C3 4DM D . 5.91 7.08 12.89
O3 4DM D . 6.85 6.66 13.73
C2 4DM D . 4.63 7.29 13.32
C1 4DM D . 3.69 7.64 12.40
C5 4DM D . 5.29 9.46 10.74
C6 4DM D . 4.36 11.41 9.45
O12 4DM D . 1.92 7.25 9.69
C12 4DM D . 2.89 7.92 10.03
C1B 4DM D . 3.06 9.36 9.54
C11 4DM D . 2.07 9.96 8.75
O11 4DM D . 1.03 9.32 8.41
C1A 4DM D . 2.22 11.27 8.31
C10 4DM D . 1.22 11.85 7.52
O10 4DM D . 0.11 11.12 7.19
C9 4DM D . 1.36 13.16 7.09
C8 4DM D . 2.50 13.91 7.44
C7 4DM D . 3.50 13.33 8.22
C61 4DM D . 3.38 12.01 8.66
C62 4DM D . 5.58 12.22 9.82
C51 4DM D . 4.21 10.09 9.89
C1C 4DM D . 3.93 7.30 10.94
O1 4DM D . 2.68 8.27 12.66
O1C 4DM D . 3.94 5.86 10.80
C41 4DM D . 5.29 7.93 10.61
C21 4DM D . 4.35 7.19 14.66
O21 4DM D . 5.25 6.86 15.45
N21 4DM D . 3.18 7.39 15.12
MG MG E . 0.89 -6.90 -8.89
C4 4DM F . 4.15 -3.72 -13.39
C3 4DM F . 3.36 -4.07 -14.63
O3 4DM F . 3.71 -3.38 -15.71
C2 4DM F . 2.37 -4.99 -14.65
C1 4DM F . 2.17 -5.78 -13.57
C5 4DM F . 5.04 -6.02 -12.95
C6 4DM F . 5.98 -8.16 -12.10
O12 4DM F . 1.74 -6.64 -10.46
C12 4DM F . 2.68 -6.50 -11.23
C1B 4DM F . 3.83 -7.47 -11.25
C11 4DM F . 3.77 -8.61 -10.46
O11 4DM F . 2.78 -8.81 -9.72
C1A 4DM F . 4.82 -9.53 -10.48
C10 4DM F . 4.77 -10.68 -9.69
O10 4DM F . 3.71 -10.93 -8.88
C9 4DM F . 5.81 -11.58 -9.73
C8 4DM F . 6.91 -11.36 -10.54
C7 4DM F . 6.97 -10.23 -11.34
C61 4DM F . 5.92 -9.30 -11.30
C62 4DM F . 7.18 -7.90 -13.00
C51 4DM F . 4.94 -7.25 -12.07
C1C 4DM F . 2.70 -5.36 -12.22
O1 4DM F . 1.62 -6.87 -13.65
O1C 4DM F . 1.92 -4.28 -11.69
C41 4DM F . 4.13 -4.90 -12.42
C21 4DM F . 1.64 -5.09 -15.78
O21 4DM F . 1.87 -4.35 -16.73
N21 4DM F . 0.69 -5.93 -15.91
#